data_2F84
#
_entry.id   2F84
#
_cell.length_a   70.911
_cell.length_b   69.057
_cell.length_c   69.735
_cell.angle_alpha   90.00
_cell.angle_beta   90.00
_cell.angle_gamma   90.00
#
_symmetry.space_group_name_H-M   'P 21 21 2'
#
loop_
_entity.id
_entity.type
_entity.pdbx_description
1 polymer 'orotidine monophosphate decarboxylase'
2 non-polymer 'PHOSPHATE ION'
3 water water
#
_entity_poly.entity_id   1
_entity_poly.type   'polypeptide(L)'
_entity_poly.pdbx_seq_one_letter_code
;MGFKVKLEKRRNAINTCLCIGLDPDEKDIENFMKNEKENNYNNIKKNLKEKYINNVSIKKDILLKAPDNIIREEKSEEFF
YFFNHFCFYIINETNKYALTFKMNFAFYIPYGSVGIDVLKNVFDYLYELNIPTILDMKINDIGNTVKNYRKFIFEYLKSD
SCTVNIYMGTNMLKDICYDEEKNKYYSAFVLVKTTNPDSAIFQKNLSLDNKQAYVIMAQEALNMSSYLNLEQNNEFIGFV
VGANSYDEMNYIRTYFPNCYILSPGIGAQNGDLHKTLTNGYHKSYEKILINIGRAITKNPYPQKAAQMYYDQINAILKQN
MES
;
_entity_poly.pdbx_strand_id   A
#
loop_
_chem_comp.id
_chem_comp.type
_chem_comp.name
_chem_comp.formula
PO4 non-polymer 'PHOSPHATE ION' 'O4 P -3'
#
# COMPACT_ATOMS: atom_id res chain seq x y z
N MET A 1 11.70 -15.86 4.63
CA MET A 1 10.36 -15.47 5.14
C MET A 1 10.17 -13.97 5.00
N GLY A 2 11.13 -13.28 4.42
CA GLY A 2 10.93 -11.86 4.25
C GLY A 2 9.70 -11.55 3.41
N PHE A 3 9.38 -10.27 3.33
CA PHE A 3 8.47 -9.73 2.32
C PHE A 3 8.75 -10.23 0.86
N LYS A 4 10.02 -10.39 0.48
CA LYS A 4 10.38 -10.86 -0.90
C LYS A 4 9.76 -12.22 -1.28
N VAL A 5 9.65 -13.12 -0.28
CA VAL A 5 9.15 -14.47 -0.46
C VAL A 5 7.62 -14.41 -0.38
N LYS A 6 7.14 -13.67 0.60
CA LYS A 6 5.74 -13.28 0.70
C LYS A 6 5.16 -12.81 -0.64
N LEU A 7 5.89 -11.90 -1.30
CA LEU A 7 5.48 -11.38 -2.61
C LEU A 7 5.55 -12.41 -3.72
N GLU A 8 6.61 -13.20 -3.73
CA GLU A 8 6.80 -14.21 -4.78
C GLU A 8 5.80 -15.34 -4.62
N LYS A 9 5.65 -15.82 -3.40
CA LYS A 9 4.64 -16.82 -3.07
C LYS A 9 3.26 -16.44 -3.59
N ARG A 10 2.77 -15.26 -3.23
CA ARG A 10 1.40 -14.82 -3.60
C ARG A 10 1.32 -14.47 -5.11
N ARG A 11 2.43 -13.99 -5.68
CA ARG A 11 2.49 -13.80 -7.13
C ARG A 11 2.18 -15.09 -7.93
N ASN A 12 2.71 -16.22 -7.44
CA ASN A 12 2.55 -17.54 -8.07
C ASN A 12 1.13 -18.05 -7.88
N ALA A 13 0.51 -17.69 -6.77
CA ALA A 13 -0.89 -18.04 -6.51
C ALA A 13 -1.93 -17.27 -7.35
N ILE A 14 -1.96 -15.94 -7.25
CA ILE A 14 -2.97 -15.12 -7.99
C ILE A 14 -2.45 -14.41 -9.28
N ASN A 15 -1.17 -14.54 -9.58
CA ASN A 15 -0.57 -14.00 -10.81
C ASN A 15 -0.99 -12.58 -11.20
N THR A 16 -0.78 -11.64 -10.30
CA THR A 16 -1.02 -10.22 -10.59
C THR A 16 0.06 -9.37 -9.91
N CYS A 17 0.14 -8.09 -10.27
CA CYS A 17 0.92 -7.08 -9.54
C CYS A 17 0.03 -5.90 -9.16
N LEU A 18 -1.29 -6.15 -9.09
CA LEU A 18 -2.26 -5.18 -8.68
C LEU A 18 -2.12 -4.91 -7.19
N CYS A 19 -1.98 -3.64 -6.86
CA CYS A 19 -2.00 -3.18 -5.47
C CYS A 19 -3.29 -2.40 -5.17
N ILE A 20 -4.06 -2.83 -4.17
CA ILE A 20 -5.30 -2.14 -3.91
C ILE A 20 -5.13 -1.16 -2.74
N GLY A 21 -5.35 0.12 -3.06
CA GLY A 21 -5.31 1.22 -2.11
C GLY A 21 -6.59 1.33 -1.32
N LEU A 22 -6.45 1.24 0.00
CA LEU A 22 -7.59 1.32 0.87
C LEU A 22 -7.43 2.66 1.62
N ASP A 23 -8.08 3.68 1.06
CA ASP A 23 -7.97 5.07 1.51
C ASP A 23 -9.39 5.61 1.75
N PRO A 24 -10.03 5.16 2.84
CA PRO A 24 -11.47 5.46 3.07
C PRO A 24 -11.72 6.91 3.59
N ASP A 25 -12.28 7.79 2.76
CA ASP A 25 -12.56 9.16 3.23
C ASP A 25 -13.85 9.30 4.06
N GLU A 26 -14.09 10.49 4.60
CA GLU A 26 -15.26 10.70 5.43
C GLU A 26 -16.49 10.43 4.59
N LYS A 27 -16.51 10.91 3.34
CA LYS A 27 -17.65 10.64 2.46
C LYS A 27 -17.95 9.14 2.29
N ASP A 28 -16.98 8.35 1.84
CA ASP A 28 -17.11 6.87 1.78
C ASP A 28 -17.80 6.22 2.97
N ILE A 29 -17.38 6.59 4.17
CA ILE A 29 -17.84 5.97 5.39
C ILE A 29 -19.31 6.32 5.58
N GLU A 30 -19.64 7.59 5.36
CA GLU A 30 -21.00 8.08 5.51
C GLU A 30 -21.87 7.38 4.49
N ASN A 31 -21.35 7.31 3.27
CA ASN A 31 -22.02 6.66 2.15
C ASN A 31 -22.27 5.18 2.37
N PHE A 32 -21.28 4.47 2.94
CA PHE A 32 -21.47 3.06 3.34
C PHE A 32 -22.60 2.90 4.38
N MET A 33 -22.53 3.67 5.47
CA MET A 33 -23.56 3.64 6.53
C MET A 33 -24.97 3.86 5.95
N LYS A 34 -25.10 4.89 5.12
CA LYS A 34 -26.35 5.23 4.44
C LYS A 34 -26.89 4.07 3.62
N ASN A 35 -26.04 3.53 2.74
CA ASN A 35 -26.44 2.43 1.86
C ASN A 35 -26.80 1.15 2.59
N GLU A 36 -26.10 0.88 3.70
CA GLU A 36 -26.33 -0.31 4.51
C GLU A 36 -27.59 -0.17 5.36
N LYS A 37 -27.87 1.05 5.84
CA LYS A 37 -29.12 1.33 6.55
C LYS A 37 -30.30 1.13 5.60
N GLU A 38 -30.15 1.66 4.39
CA GLU A 38 -31.15 1.60 3.34
C GLU A 38 -31.26 0.22 2.68
N ASN A 39 -30.22 -0.62 2.82
CA ASN A 39 -30.25 -1.98 2.22
C ASN A 39 -30.36 -3.17 3.21
N ASN A 40 -30.82 -2.88 4.42
CA ASN A 40 -30.97 -3.89 5.47
C ASN A 40 -29.61 -4.54 5.84
N TYR A 41 -28.57 -3.69 5.78
CA TYR A 41 -27.19 -4.00 6.19
C TYR A 41 -26.61 -5.29 5.63
N ASN A 42 -26.76 -5.50 4.31
CA ASN A 42 -26.41 -6.81 3.74
C ASN A 42 -24.91 -7.09 3.65
N ASN A 43 -24.10 -6.03 3.52
CA ASN A 43 -22.66 -6.20 3.43
C ASN A 43 -22.03 -6.43 4.80
N ILE A 44 -22.56 -5.77 5.82
CA ILE A 44 -22.11 -5.99 7.20
C ILE A 44 -22.43 -7.41 7.62
N LYS A 45 -23.62 -7.87 7.23
CA LYS A 45 -24.07 -9.26 7.43
C LYS A 45 -23.15 -10.24 6.73
N LYS A 46 -22.80 -9.93 5.47
CA LYS A 46 -21.78 -10.71 4.75
C LYS A 46 -20.46 -10.75 5.52
N ASN A 47 -19.96 -9.57 5.93
CA ASN A 47 -18.74 -9.46 6.76
C ASN A 47 -18.77 -10.33 8.04
N LEU A 48 -19.88 -10.30 8.79
CA LEU A 48 -20.00 -11.07 10.04
C LEU A 48 -19.93 -12.59 9.85
N LYS A 49 -20.34 -13.06 8.68
CA LYS A 49 -20.21 -14.47 8.30
C LYS A 49 -18.76 -14.97 8.31
N GLU A 50 -17.81 -14.11 7.89
CA GLU A 50 -16.37 -14.42 7.76
C GLU A 50 -15.64 -14.71 9.09
N LYS A 51 -14.81 -15.75 9.10
CA LYS A 51 -14.20 -16.22 10.34
C LYS A 51 -13.12 -15.34 10.96
N TYR A 52 -12.37 -14.62 10.12
CA TYR A 52 -11.23 -13.85 10.62
C TYR A 52 -11.62 -12.66 11.47
N ILE A 53 -12.76 -12.03 11.17
CA ILE A 53 -13.28 -10.94 11.99
C ILE A 53 -13.19 -11.28 13.51
N ASN A 54 -13.16 -12.57 13.84
CA ASN A 54 -13.00 -13.05 15.22
C ASN A 54 -11.56 -13.00 15.73
N ASN A 55 -10.66 -12.39 14.96
CA ASN A 55 -9.23 -12.42 15.28
C ASN A 55 -8.58 -11.03 15.42
N VAL A 56 -9.36 -9.98 15.16
CA VAL A 56 -8.89 -8.61 15.31
C VAL A 56 -8.74 -8.24 16.79
N SER A 57 -7.93 -7.22 17.06
CA SER A 57 -7.54 -6.84 18.42
C SER A 57 -8.51 -5.91 19.16
N ILE A 58 -9.16 -5.00 18.44
CA ILE A 58 -9.80 -3.85 19.11
C ILE A 58 -11.32 -3.78 18.98
N LYS A 59 -11.98 -3.81 20.14
CA LYS A 59 -13.45 -3.87 20.28
C LYS A 59 -14.07 -4.91 19.39
N LYS A 60 -13.49 -6.10 19.42
CA LYS A 60 -14.03 -7.25 18.73
C LYS A 60 -15.53 -7.42 18.97
N ASP A 61 -15.96 -7.31 20.22
CA ASP A 61 -17.38 -7.57 20.56
C ASP A 61 -18.33 -6.43 20.15
N ILE A 62 -17.80 -5.25 19.84
CA ILE A 62 -18.57 -4.18 19.20
C ILE A 62 -18.79 -4.49 17.70
N LEU A 63 -17.73 -4.96 17.03
CA LEU A 63 -17.79 -5.30 15.61
C LEU A 63 -18.65 -6.53 15.36
N LEU A 64 -18.60 -7.47 16.29
CA LEU A 64 -19.43 -8.70 16.27
C LEU A 64 -20.94 -8.51 16.53
N LYS A 65 -21.32 -7.38 17.12
CA LYS A 65 -22.71 -7.08 17.43
C LYS A 65 -23.49 -6.75 16.16
N ALA A 66 -24.80 -6.96 16.26
CA ALA A 66 -25.75 -6.73 15.16
C ALA A 66 -25.85 -5.24 14.83
N PRO A 67 -25.91 -4.89 13.52
CA PRO A 67 -25.96 -3.48 13.13
C PRO A 67 -27.16 -2.67 13.62
N ASP A 68 -28.34 -3.30 13.72
CA ASP A 68 -29.49 -2.65 14.36
C ASP A 68 -29.16 -2.35 15.81
N ASN A 69 -28.51 -3.32 16.46
CA ASN A 69 -28.15 -3.22 17.86
C ASN A 69 -27.13 -2.13 18.16
N ILE A 70 -26.28 -1.83 17.17
CA ILE A 70 -25.31 -0.72 17.24
C ILE A 70 -25.92 0.67 17.33
N ILE A 71 -26.84 1.02 16.42
CA ILE A 71 -27.46 2.36 16.47
C ILE A 71 -28.36 2.59 17.70
N ARG A 72 -29.05 1.55 18.11
CA ARG A 72 -29.91 1.64 19.29
C ARG A 72 -29.11 1.70 20.59
N GLU A 73 -28.15 0.77 20.73
CA GLU A 73 -27.47 0.51 21.99
C GLU A 73 -26.12 1.15 22.13
N GLU A 74 -25.48 1.43 21.00
CA GLU A 74 -24.10 1.89 20.97
C GLU A 74 -23.95 3.07 20.01
N LYS A 75 -24.71 4.14 20.23
CA LYS A 75 -24.64 5.31 19.34
C LYS A 75 -23.25 5.98 19.36
N SER A 76 -22.43 5.63 20.37
CA SER A 76 -21.07 6.17 20.52
C SER A 76 -19.99 5.39 19.73
N GLU A 77 -20.32 4.14 19.37
CA GLU A 77 -19.42 3.29 18.59
C GLU A 77 -19.89 3.19 17.15
N GLU A 78 -20.90 3.97 16.77
CA GLU A 78 -21.48 3.88 15.44
C GLU A 78 -20.45 4.20 14.33
N PHE A 79 -19.71 5.30 14.49
CA PHE A 79 -18.66 5.67 13.55
C PHE A 79 -17.55 4.63 13.46
N PHE A 80 -17.07 4.17 14.62
CA PHE A 80 -16.09 3.08 14.67
C PHE A 80 -16.56 1.87 13.90
N TYR A 81 -17.81 1.49 14.16
CA TYR A 81 -18.39 0.28 13.61
C TYR A 81 -18.44 0.33 12.10
N PHE A 82 -18.99 1.42 11.56
CA PHE A 82 -19.19 1.57 10.13
C PHE A 82 -17.89 1.86 9.37
N PHE A 83 -16.96 2.55 10.03
CA PHE A 83 -15.61 2.76 9.51
C PHE A 83 -14.92 1.40 9.33
N ASN A 84 -14.84 0.67 10.44
CA ASN A 84 -14.15 -0.61 10.47
C ASN A 84 -14.83 -1.61 9.54
N HIS A 85 -16.18 -1.61 9.52
CA HIS A 85 -16.89 -2.49 8.62
C HIS A 85 -16.78 -2.18 7.13
N PHE A 86 -16.59 -0.92 6.73
CA PHE A 86 -16.31 -0.55 5.30
C PHE A 86 -14.96 -1.04 4.75
N CYS A 87 -13.91 -0.98 5.58
CA CYS A 87 -12.62 -1.56 5.22
C CYS A 87 -12.69 -3.08 5.06
N PHE A 88 -13.45 -3.76 5.92
CA PHE A 88 -13.65 -5.22 5.83
C PHE A 88 -14.35 -5.60 4.54
N TYR A 89 -15.38 -4.80 4.22
CA TYR A 89 -16.19 -4.95 3.04
C TYR A 89 -15.35 -4.83 1.77
N ILE A 90 -14.48 -3.85 1.73
CA ILE A 90 -13.61 -3.67 0.57
C ILE A 90 -12.65 -4.84 0.49
N ILE A 91 -12.12 -5.26 1.65
CA ILE A 91 -11.18 -6.37 1.73
C ILE A 91 -11.80 -7.70 1.33
N ASN A 92 -12.96 -8.02 1.91
CA ASN A 92 -13.59 -9.28 1.57
C ASN A 92 -13.91 -9.32 0.08
N GLU A 93 -14.34 -8.17 -0.43
CA GLU A 93 -14.81 -8.05 -1.81
C GLU A 93 -13.68 -8.14 -2.85
N THR A 94 -12.49 -7.66 -2.52
CA THR A 94 -11.47 -7.51 -3.55
C THR A 94 -10.17 -8.28 -3.35
N ASN A 95 -10.02 -8.98 -2.24
CA ASN A 95 -8.71 -9.58 -1.93
C ASN A 95 -8.11 -10.61 -2.91
N LYS A 96 -8.99 -11.37 -3.59
CA LYS A 96 -8.57 -12.38 -4.60
C LYS A 96 -7.79 -11.79 -5.78
N TYR A 97 -8.01 -10.51 -6.04
CA TYR A 97 -7.34 -9.83 -7.14
C TYR A 97 -6.16 -8.98 -6.71
N ALA A 98 -5.89 -8.95 -5.40
CA ALA A 98 -4.88 -8.06 -4.82
C ALA A 98 -3.56 -8.77 -4.57
N LEU A 99 -2.47 -8.33 -5.20
CA LEU A 99 -1.14 -8.79 -4.80
C LEU A 99 -0.86 -8.27 -3.38
N THR A 100 -1.19 -7.00 -3.16
CA THR A 100 -0.95 -6.32 -1.90
C THR A 100 -2.06 -5.31 -1.66
N PHE A 101 -2.15 -4.87 -0.40
CA PHE A 101 -3.05 -3.80 -0.04
C PHE A 101 -2.19 -2.70 0.54
N LYS A 102 -2.47 -1.48 0.13
CA LYS A 102 -1.76 -0.35 0.65
C LYS A 102 -2.69 0.58 1.33
N MET A 103 -2.36 0.91 2.57
CA MET A 103 -3.21 1.79 3.37
C MET A 103 -2.48 3.10 3.58
N ASN A 104 -3.11 4.22 3.24
CA ASN A 104 -2.53 5.50 3.60
C ASN A 104 -2.91 5.94 4.98
N PHE A 105 -1.89 6.14 5.81
CA PHE A 105 -2.05 6.52 7.21
C PHE A 105 -2.92 7.75 7.42
N ALA A 106 -2.80 8.67 6.48
CA ALA A 106 -3.51 9.96 6.47
C ALA A 106 -5.00 9.79 6.69
N PHE A 107 -5.63 8.83 6.00
CA PHE A 107 -7.08 8.61 6.06
C PHE A 107 -7.59 8.08 7.43
N TYR A 108 -6.65 7.62 8.26
CA TYR A 108 -6.96 6.92 9.52
C TYR A 108 -6.80 7.73 10.80
N ILE A 109 -6.16 8.87 10.69
CA ILE A 109 -5.79 9.68 11.85
C ILE A 109 -6.65 10.95 12.06
N PRO A 110 -7.38 11.46 11.03
CA PRO A 110 -8.00 12.78 11.29
C PRO A 110 -9.17 12.82 12.30
N TYR A 111 -9.59 11.66 12.81
CA TYR A 111 -10.66 11.61 13.79
C TYR A 111 -10.11 11.31 15.17
N GLY A 112 -8.79 11.22 15.31
CA GLY A 112 -8.24 10.88 16.62
C GLY A 112 -7.93 9.42 16.76
N SER A 113 -7.83 8.95 17.99
CA SER A 113 -7.55 7.55 18.27
C SER A 113 -8.42 6.57 17.47
N VAL A 114 -9.61 6.99 17.06
CA VAL A 114 -10.61 5.99 16.64
C VAL A 114 -10.25 5.37 15.29
N GLY A 115 -9.71 6.19 14.38
CA GLY A 115 -9.28 5.68 13.09
C GLY A 115 -8.09 4.78 13.26
N ILE A 116 -7.39 4.92 14.39
CA ILE A 116 -6.16 4.16 14.62
C ILE A 116 -6.46 2.78 15.20
N ASP A 117 -7.56 2.68 15.97
CA ASP A 117 -8.15 1.39 16.35
C ASP A 117 -8.61 0.55 15.16
N VAL A 118 -9.21 1.19 14.16
CA VAL A 118 -9.59 0.59 12.87
C VAL A 118 -8.35 0.20 11.99
N LEU A 119 -7.31 1.01 11.99
CA LEU A 119 -6.10 0.69 11.20
C LEU A 119 -5.40 -0.58 11.70
N LYS A 120 -5.17 -0.63 13.00
CA LYS A 120 -4.82 -1.87 13.72
C LYS A 120 -5.58 -3.11 13.22
N ASN A 121 -6.91 -3.13 13.44
CA ASN A 121 -7.82 -4.19 13.01
C ASN A 121 -7.84 -4.48 11.53
N VAL A 122 -7.67 -3.45 10.68
CA VAL A 122 -7.42 -3.63 9.24
C VAL A 122 -6.12 -4.42 9.00
N PHE A 123 -5.03 -4.01 9.62
CA PHE A 123 -3.79 -4.79 9.58
C PHE A 123 -3.87 -6.17 10.25
N ASP A 124 -4.58 -6.27 11.38
CA ASP A 124 -4.93 -7.60 11.97
C ASP A 124 -5.65 -8.56 11.02
N TYR A 125 -6.72 -8.05 10.40
CA TYR A 125 -7.52 -8.80 9.44
C TYR A 125 -6.72 -9.29 8.22
N LEU A 126 -5.82 -8.45 7.74
CA LEU A 126 -5.00 -8.78 6.56
C LEU A 126 -3.84 -9.72 6.87
N TYR A 127 -3.30 -9.62 8.09
CA TYR A 127 -2.30 -10.56 8.60
C TYR A 127 -2.92 -11.94 8.82
N GLU A 128 -4.16 -11.97 9.28
CA GLU A 128 -4.86 -13.24 9.48
C GLU A 128 -5.13 -13.91 8.14
N LEU A 129 -5.33 -13.09 7.10
CA LEU A 129 -5.51 -13.61 5.75
C LEU A 129 -4.22 -13.80 4.98
N ASN A 130 -3.09 -13.45 5.61
CA ASN A 130 -1.76 -13.49 4.97
C ASN A 130 -1.67 -12.77 3.60
N ILE A 131 -2.31 -11.62 3.47
CA ILE A 131 -2.10 -10.79 2.28
C ILE A 131 -1.01 -9.76 2.61
N PRO A 132 -0.02 -9.56 1.69
CA PRO A 132 1.05 -8.58 1.87
C PRO A 132 0.51 -7.18 2.04
N THR A 133 1.07 -6.47 3.00
CA THR A 133 0.67 -5.11 3.34
C THR A 133 1.76 -4.08 3.02
N ILE A 134 1.30 -2.89 2.61
CA ILE A 134 2.07 -1.66 2.64
C ILE A 134 1.32 -0.60 3.49
N LEU A 135 1.98 -0.05 4.48
CA LEU A 135 1.53 1.22 5.07
C LEU A 135 2.22 2.46 4.44
N ASP A 136 1.47 3.21 3.64
CA ASP A 136 1.88 4.46 3.06
C ASP A 136 1.73 5.57 4.08
N MET A 137 2.86 6.04 4.61
CA MET A 137 2.88 6.91 5.79
C MET A 137 4.01 7.90 5.57
N LYS A 138 4.87 7.60 4.60
CA LYS A 138 5.94 8.49 4.13
C LYS A 138 6.70 9.06 5.32
N ILE A 139 7.13 8.15 6.18
CA ILE A 139 7.87 8.50 7.37
C ILE A 139 9.23 9.12 7.05
N ASN A 140 9.64 10.04 7.92
CA ASN A 140 10.87 10.81 7.74
C ASN A 140 11.17 11.53 9.09
N ASP A 141 12.36 11.32 9.65
CA ASP A 141 12.82 12.00 10.89
C ASP A 141 14.20 11.44 11.14
N ILE A 142 14.84 11.89 12.23
CA ILE A 142 16.21 11.47 12.52
C ILE A 142 16.18 10.03 12.98
N GLY A 143 17.30 9.34 12.80
CA GLY A 143 17.44 7.94 13.20
C GLY A 143 16.82 7.50 14.53
N ASN A 144 17.10 8.20 15.64
CA ASN A 144 16.53 7.73 16.94
C ASN A 144 15.03 7.99 17.09
N THR A 145 14.52 9.01 16.41
CA THR A 145 13.10 9.31 16.42
C THR A 145 12.33 8.29 15.57
N VAL A 146 12.92 7.93 14.42
CA VAL A 146 12.23 7.02 13.46
C VAL A 146 11.98 5.59 13.95
N LYS A 147 12.72 5.20 14.98
CA LYS A 147 12.54 3.93 15.72
C LYS A 147 11.13 3.70 16.31
N ASN A 148 10.51 4.80 16.69
CA ASN A 148 9.10 4.84 17.03
C ASN A 148 8.17 4.41 15.93
N TYR A 149 8.48 4.79 14.68
CA TYR A 149 7.66 4.40 13.52
C TYR A 149 7.87 2.95 13.20
N ARG A 150 9.14 2.52 13.25
CA ARG A 150 9.51 1.10 13.10
C ARG A 150 8.65 0.26 14.04
N LYS A 151 8.64 0.62 15.33
CA LYS A 151 7.78 -0.05 16.31
C LYS A 151 6.30 0.01 15.90
N PHE A 152 5.79 1.18 15.56
CA PHE A 152 4.36 1.30 15.24
C PHE A 152 3.97 0.43 14.03
N ILE A 153 4.77 0.56 12.97
CA ILE A 153 4.48 -0.06 11.71
C ILE A 153 4.72 -1.57 11.72
N PHE A 154 5.92 -1.95 12.16
CA PHE A 154 6.41 -3.32 11.97
C PHE A 154 6.11 -4.19 13.21
N GLU A 155 5.90 -3.56 14.35
CA GLU A 155 5.68 -4.31 15.58
C GLU A 155 4.22 -4.26 16.04
N TYR A 156 3.59 -3.09 16.01
CA TYR A 156 2.20 -2.96 16.43
C TYR A 156 1.26 -3.37 15.31
N LEU A 157 1.41 -2.73 14.13
CA LEU A 157 0.55 -3.07 12.99
C LEU A 157 0.97 -4.40 12.38
N LYS A 158 2.27 -4.71 12.50
CA LYS A 158 2.87 -5.90 11.85
C LYS A 158 2.74 -5.80 10.32
N SER A 159 3.01 -4.62 9.77
CA SER A 159 3.01 -4.41 8.31
C SER A 159 4.24 -5.08 7.71
N ASP A 160 4.14 -5.58 6.48
CA ASP A 160 5.33 -6.06 5.73
C ASP A 160 6.30 -4.97 5.26
N SER A 161 5.76 -3.77 5.06
CA SER A 161 6.52 -2.66 4.47
C SER A 161 5.84 -1.31 4.70
N CYS A 162 6.61 -0.24 4.47
CA CYS A 162 6.13 1.12 4.48
C CYS A 162 6.83 1.94 3.40
N THR A 163 6.33 3.15 3.22
CA THR A 163 6.93 4.17 2.42
C THR A 163 7.71 5.18 3.29
N VAL A 164 8.79 5.75 2.73
CA VAL A 164 9.68 6.61 3.49
C VAL A 164 10.14 7.79 2.64
N ASN A 165 10.27 8.97 3.25
CA ASN A 165 10.78 10.16 2.62
C ASN A 165 12.19 10.45 3.16
N ILE A 166 13.17 10.16 2.32
CA ILE A 166 14.56 10.30 2.71
C ILE A 166 15.26 11.56 2.13
N TYR A 167 14.51 12.60 1.76
CA TYR A 167 15.07 13.93 1.40
C TYR A 167 16.20 14.37 2.31
N MET A 168 16.01 14.22 3.60
CA MET A 168 16.95 14.72 4.58
C MET A 168 18.17 13.84 4.78
N GLY A 169 18.12 12.62 4.28
CA GLY A 169 19.32 11.77 4.28
C GLY A 169 18.92 10.31 4.34
N THR A 170 19.78 9.47 3.75
CA THR A 170 19.47 8.03 3.65
C THR A 170 19.63 7.31 4.99
N ASN A 171 20.41 7.88 5.90
CA ASN A 171 20.83 7.13 7.08
C ASN A 171 19.69 6.80 8.06
N MET A 172 18.56 7.48 7.94
CA MET A 172 17.34 7.12 8.71
C MET A 172 16.90 5.68 8.42
N LEU A 173 17.25 5.18 7.24
CA LEU A 173 16.86 3.84 6.79
C LEU A 173 17.43 2.75 7.66
N LYS A 174 18.57 3.02 8.29
CA LYS A 174 19.19 2.07 9.18
C LYS A 174 18.30 1.79 10.36
N ASP A 175 17.53 2.79 10.80
CA ASP A 175 16.67 2.65 11.99
C ASP A 175 15.20 2.36 11.67
N ILE A 176 14.91 2.06 10.42
CA ILE A 176 13.56 1.69 9.98
C ILE A 176 13.58 0.26 9.46
N CYS A 177 14.58 -0.05 8.64
CA CYS A 177 14.64 -1.34 7.95
C CYS A 177 15.40 -2.40 8.74
N TYR A 178 15.93 -2.01 9.91
CA TYR A 178 16.81 -2.87 10.69
C TYR A 178 16.68 -2.63 12.20
N ASP A 179 16.57 -3.72 12.96
CA ASP A 179 16.49 -3.62 14.43
C ASP A 179 17.62 -4.48 15.01
N GLU A 180 18.73 -3.82 15.34
CA GLU A 180 19.92 -4.51 15.92
C GLU A 180 19.63 -5.40 17.14
N GLU A 181 18.94 -4.85 18.14
CA GLU A 181 18.52 -5.57 19.34
C GLU A 181 17.85 -6.91 18.99
N LYS A 182 16.82 -6.86 18.15
CA LYS A 182 16.05 -8.07 17.82
C LYS A 182 16.52 -8.78 16.55
N ASN A 183 17.59 -8.31 15.92
CA ASN A 183 18.06 -8.92 14.66
C ASN A 183 16.93 -9.13 13.65
N LYS A 184 16.17 -8.07 13.39
CA LYS A 184 15.04 -8.15 12.46
C LYS A 184 15.25 -7.13 11.36
N TYR A 185 14.72 -7.46 10.18
CA TYR A 185 14.88 -6.78 8.90
C TYR A 185 13.51 -6.52 8.28
N TYR A 186 13.36 -5.31 7.77
CA TYR A 186 12.07 -4.86 7.22
C TYR A 186 12.29 -4.17 5.89
N SER A 187 11.23 -4.14 5.06
CA SER A 187 11.29 -3.54 3.72
C SER A 187 10.64 -2.17 3.65
N ALA A 188 11.13 -1.32 2.74
CA ALA A 188 10.58 0.00 2.58
C ALA A 188 10.68 0.44 1.11
N PHE A 189 9.82 1.37 0.74
CA PHE A 189 9.85 2.01 -0.55
C PHE A 189 10.15 3.48 -0.32
N VAL A 190 11.20 4.01 -0.95
CA VAL A 190 11.50 5.44 -0.78
C VAL A 190 10.91 6.30 -1.91
N LEU A 191 10.56 7.56 -1.60
CA LEU A 191 9.91 8.44 -2.57
C LEU A 191 11.03 8.96 -3.50
N VAL A 192 10.75 8.95 -4.79
CA VAL A 192 11.67 9.50 -5.79
C VAL A 192 10.90 10.65 -6.45
N LYS A 193 11.54 11.81 -6.46
CA LYS A 193 11.03 12.98 -7.14
C LYS A 193 11.30 12.91 -8.64
N THR A 194 10.22 12.78 -9.39
CA THR A 194 10.25 12.57 -10.82
C THR A 194 9.72 13.83 -11.48
N THR A 195 10.14 14.07 -12.72
CA THR A 195 9.87 15.34 -13.42
C THR A 195 8.46 15.47 -14.04
N ASN A 196 8.29 16.55 -14.80
CA ASN A 196 7.08 16.81 -15.59
C ASN A 196 6.94 15.82 -16.78
N PRO A 197 7.87 15.85 -17.80
CA PRO A 197 9.17 16.48 -18.10
C PRO A 197 9.23 17.70 -19.04
N ASP A 198 8.13 18.44 -19.14
CA ASP A 198 8.17 19.73 -19.87
C ASP A 198 8.87 20.80 -19.02
N SER A 199 9.01 20.52 -17.73
CA SER A 199 9.69 21.41 -16.78
C SER A 199 11.20 21.21 -16.69
N ALA A 200 11.74 20.32 -17.52
CA ALA A 200 13.16 19.99 -17.52
C ALA A 200 14.05 21.16 -17.95
N ILE A 201 13.57 21.96 -18.90
CA ILE A 201 14.34 23.11 -19.41
C ILE A 201 14.57 24.17 -18.32
N PHE A 202 13.57 24.31 -17.43
CA PHE A 202 13.60 25.28 -16.34
C PHE A 202 14.63 24.90 -15.28
N GLN A 203 14.81 23.58 -15.09
CA GLN A 203 15.81 23.04 -14.17
C GLN A 203 17.21 23.23 -14.75
N LYS A 204 17.36 23.00 -16.06
CA LYS A 204 18.65 23.21 -16.72
C LYS A 204 19.08 24.65 -16.54
N ASN A 205 18.16 25.58 -16.83
CA ASN A 205 18.34 27.04 -16.66
C ASN A 205 18.62 27.45 -15.21
N LEU A 206 18.08 26.69 -14.27
CA LEU A 206 18.39 26.85 -12.84
C LEU A 206 19.67 26.11 -12.40
N SER A 207 20.31 25.38 -13.32
CA SER A 207 21.45 24.51 -13.02
C SER A 207 21.17 23.49 -11.92
N LEU A 208 20.18 22.63 -12.15
CA LEU A 208 19.70 21.74 -11.10
C LEU A 208 19.91 20.26 -11.38
N ASP A 209 19.58 19.84 -12.60
CA ASP A 209 19.60 18.42 -13.01
C ASP A 209 18.91 17.49 -11.99
N ASN A 210 17.57 17.48 -12.04
CA ASN A 210 16.77 16.63 -11.17
C ASN A 210 17.00 15.13 -11.40
N LYS A 211 17.51 14.81 -12.60
CA LYS A 211 17.80 13.45 -13.02
C LYS A 211 19.07 12.91 -12.36
N GLN A 212 20.14 13.69 -12.36
CA GLN A 212 21.30 13.24 -11.62
C GLN A 212 20.89 13.05 -10.17
N ALA A 213 20.09 13.99 -9.68
CA ALA A 213 19.79 14.10 -8.29
C ALA A 213 19.01 12.90 -7.75
N TYR A 214 18.02 12.41 -8.48
CA TYR A 214 17.22 11.30 -7.94
C TYR A 214 17.95 9.96 -8.11
N VAL A 215 18.84 9.86 -9.09
CA VAL A 215 19.64 8.65 -9.34
C VAL A 215 20.69 8.51 -8.24
N ILE A 216 21.33 9.63 -7.89
CA ILE A 216 22.21 9.70 -6.75
C ILE A 216 21.48 9.25 -5.50
N MET A 217 20.30 9.78 -5.26
CA MET A 217 19.55 9.40 -4.07
C MET A 217 19.19 7.92 -4.11
N ALA A 218 18.70 7.46 -5.27
CA ALA A 218 18.37 6.05 -5.55
C ALA A 218 19.47 5.07 -5.16
N GLN A 219 20.68 5.35 -5.64
CA GLN A 219 21.90 4.56 -5.37
C GLN A 219 22.25 4.55 -3.88
N GLU A 220 22.06 5.67 -3.20
CA GLU A 220 22.36 5.75 -1.81
C GLU A 220 21.44 4.78 -1.07
N ALA A 221 20.16 4.73 -1.48
CA ALA A 221 19.16 3.83 -0.87
C ALA A 221 19.44 2.34 -1.12
N LEU A 222 19.86 1.97 -2.32
CA LEU A 222 20.29 0.58 -2.57
C LEU A 222 21.61 0.27 -1.88
N ASN A 223 22.54 1.22 -1.91
CA ASN A 223 23.72 1.10 -1.05
C ASN A 223 23.39 0.75 0.40
N MET A 224 22.36 1.38 0.97
CA MET A 224 21.86 1.10 2.35
C MET A 224 21.26 -0.30 2.48
N SER A 225 20.52 -0.71 1.45
CA SER A 225 19.96 -2.04 1.44
C SER A 225 21.04 -3.11 1.54
N SER A 226 22.09 -2.99 0.73
CA SER A 226 23.18 -3.94 0.78
C SER A 226 23.93 -3.86 2.12
N TYR A 227 24.25 -2.65 2.59
CA TYR A 227 24.87 -2.44 3.90
C TYR A 227 24.05 -3.10 5.03
N LEU A 228 22.73 -3.06 4.90
CA LEU A 228 21.85 -3.61 5.97
C LEU A 228 21.59 -5.11 5.89
N ASN A 229 22.16 -5.70 4.84
CA ASN A 229 21.96 -7.12 4.53
C ASN A 229 20.49 -7.50 4.33
N LEU A 230 19.70 -6.62 3.71
CA LEU A 230 18.25 -6.87 3.65
C LEU A 230 17.91 -7.98 2.67
N GLU A 231 18.60 -8.00 1.52
CA GLU A 231 18.38 -9.04 0.50
C GLU A 231 18.57 -10.46 1.04
N GLN A 232 19.69 -10.68 1.75
CA GLN A 232 20.01 -12.00 2.29
C GLN A 232 19.00 -12.39 3.36
N ASN A 233 18.26 -11.39 3.84
CA ASN A 233 17.21 -11.63 4.80
C ASN A 233 15.83 -11.52 4.22
N ASN A 234 15.80 -11.53 2.87
CA ASN A 234 14.56 -11.57 2.10
C ASN A 234 13.70 -10.32 2.23
N GLU A 235 14.38 -9.20 2.47
CA GLU A 235 13.80 -7.89 2.51
C GLU A 235 14.46 -7.01 1.45
N PHE A 236 13.87 -5.84 1.19
CA PHE A 236 14.47 -4.90 0.22
C PHE A 236 14.12 -3.45 0.54
N ILE A 237 14.87 -2.56 -0.09
CA ILE A 237 14.48 -1.14 -0.21
C ILE A 237 14.25 -0.82 -1.68
N GLY A 238 13.01 -0.51 -2.03
CA GLY A 238 12.65 -0.10 -3.40
C GLY A 238 12.22 1.36 -3.52
N PHE A 239 11.51 1.70 -4.60
CA PHE A 239 11.20 3.08 -4.97
C PHE A 239 9.75 3.29 -5.19
N VAL A 240 9.27 4.48 -4.81
CA VAL A 240 7.91 4.90 -5.15
C VAL A 240 8.04 5.82 -6.33
N VAL A 241 7.49 5.37 -7.45
CA VAL A 241 7.72 6.10 -8.72
C VAL A 241 6.40 6.44 -9.36
N GLY A 242 6.08 7.72 -9.49
CA GLY A 242 4.74 8.13 -9.94
C GLY A 242 4.37 7.47 -11.27
N ALA A 243 3.13 7.03 -11.41
CA ALA A 243 2.70 6.28 -12.62
C ALA A 243 2.97 6.96 -13.97
N ASN A 244 2.91 8.29 -13.99
CA ASN A 244 2.95 9.01 -15.22
C ASN A 244 4.35 9.47 -15.50
N SER A 245 5.31 9.08 -14.66
CA SER A 245 6.72 9.46 -14.89
C SER A 245 7.41 8.42 -15.74
N TYR A 246 6.96 8.33 -16.99
CA TYR A 246 7.40 7.25 -17.89
C TYR A 246 8.90 7.24 -18.07
N ASP A 247 9.50 8.42 -18.09
CA ASP A 247 10.96 8.55 -18.27
C ASP A 247 11.79 7.97 -17.14
N GLU A 248 11.54 8.44 -15.93
CA GLU A 248 12.21 7.98 -14.70
C GLU A 248 12.01 6.50 -14.43
N MET A 249 10.76 6.06 -14.61
CA MET A 249 10.41 4.65 -14.45
C MET A 249 11.28 3.78 -15.35
N ASN A 250 11.30 4.10 -16.65
CA ASN A 250 12.14 3.39 -17.60
C ASN A 250 13.61 3.46 -17.19
N TYR A 251 14.09 4.66 -16.90
CA TYR A 251 15.47 4.82 -16.52
C TYR A 251 15.85 4.02 -15.29
N ILE A 252 14.97 4.01 -14.30
CA ILE A 252 15.21 3.31 -13.05
C ILE A 252 15.27 1.80 -13.23
N ARG A 253 14.23 1.23 -13.87
CA ARG A 253 14.13 -0.21 -14.18
C ARG A 253 15.33 -0.64 -15.04
N THR A 254 15.79 0.24 -15.90
CA THR A 254 16.99 -0.01 -16.73
C THR A 254 18.32 -0.05 -15.95
N TYR A 255 18.59 0.99 -15.20
CA TYR A 255 19.88 1.20 -14.55
C TYR A 255 19.96 0.54 -13.16
N PHE A 256 18.81 0.23 -12.57
CA PHE A 256 18.74 -0.61 -11.35
C PHE A 256 17.84 -1.80 -11.64
N PRO A 257 18.33 -2.79 -12.43
CA PRO A 257 17.48 -3.81 -13.06
C PRO A 257 16.52 -4.59 -12.18
N ASN A 258 16.95 -5.00 -10.98
CA ASN A 258 16.08 -5.82 -10.13
C ASN A 258 15.48 -5.11 -8.91
N CYS A 259 15.36 -3.78 -8.95
CA CYS A 259 14.77 -3.07 -7.82
C CYS A 259 13.27 -3.27 -7.79
N TYR A 260 12.69 -3.10 -6.61
CA TYR A 260 11.24 -3.15 -6.40
C TYR A 260 10.63 -1.76 -6.57
N ILE A 261 9.56 -1.65 -7.34
CA ILE A 261 8.90 -0.35 -7.58
C ILE A 261 7.43 -0.41 -7.20
N LEU A 262 6.94 0.64 -6.54
CA LEU A 262 5.52 0.83 -6.21
C LEU A 262 5.11 2.09 -6.97
N SER A 263 4.07 1.97 -7.81
CA SER A 263 3.67 3.02 -8.71
C SER A 263 2.21 3.45 -8.49
N PRO A 264 2.02 4.57 -7.73
CA PRO A 264 0.69 5.18 -7.55
C PRO A 264 0.41 6.22 -8.66
N GLY A 265 -0.86 6.54 -8.85
CA GLY A 265 -1.22 7.51 -9.85
C GLY A 265 -2.40 7.15 -10.74
N ILE A 266 -2.43 5.92 -11.24
CA ILE A 266 -3.52 5.49 -12.11
C ILE A 266 -4.87 5.55 -11.36
N GLY A 267 -5.84 6.18 -12.01
CA GLY A 267 -7.23 6.17 -11.60
C GLY A 267 -8.18 6.04 -12.79
N ALA A 268 -9.47 6.26 -12.54
CA ALA A 268 -10.54 6.14 -13.55
C ALA A 268 -10.43 7.17 -14.70
N GLN A 269 -10.10 8.41 -14.37
CA GLN A 269 -10.07 9.50 -15.37
C GLN A 269 -8.67 9.91 -15.85
N ASN A 270 -7.66 9.10 -15.53
CA ASN A 270 -6.28 9.36 -15.98
C ASN A 270 -5.39 8.12 -15.87
N GLY A 271 -4.18 8.21 -16.40
CA GLY A 271 -3.28 7.09 -16.37
C GLY A 271 -3.41 6.17 -17.57
N ASP A 272 -2.27 5.81 -18.14
CA ASP A 272 -2.16 4.75 -19.13
C ASP A 272 -1.51 3.54 -18.44
N LEU A 273 -2.34 2.53 -18.13
CA LEU A 273 -1.89 1.34 -17.41
C LEU A 273 -0.78 0.57 -18.11
N HIS A 274 -0.95 0.32 -19.40
CA HIS A 274 0.05 -0.41 -20.19
C HIS A 274 1.38 0.31 -20.19
N LYS A 275 1.33 1.63 -20.34
CA LYS A 275 2.52 2.47 -20.46
C LYS A 275 3.37 2.45 -19.17
N THR A 276 2.71 2.66 -18.04
CA THR A 276 3.35 2.58 -16.72
C THR A 276 3.97 1.20 -16.41
N LEU A 277 3.16 0.16 -16.52
CA LEU A 277 3.56 -1.22 -16.29
C LEU A 277 4.65 -1.67 -17.25
N THR A 278 4.51 -1.36 -18.54
CA THR A 278 5.56 -1.68 -19.51
C THR A 278 6.92 -0.98 -19.25
N ASN A 279 6.88 0.31 -18.94
CA ASN A 279 8.09 1.04 -18.57
C ASN A 279 8.85 0.51 -17.35
N GLY A 280 8.08 0.05 -16.35
CA GLY A 280 8.59 -0.54 -15.10
C GLY A 280 8.61 -2.08 -15.06
N TYR A 281 8.26 -2.72 -16.17
CA TYR A 281 8.14 -4.17 -16.23
C TYR A 281 9.39 -4.94 -15.79
N HIS A 282 9.13 -6.03 -15.05
CA HIS A 282 10.12 -7.05 -14.69
C HIS A 282 9.48 -8.40 -14.77
N LYS A 283 10.19 -9.41 -15.27
CA LYS A 283 9.67 -10.80 -15.34
C LYS A 283 9.12 -11.22 -13.96
N SER A 284 9.83 -10.87 -12.88
CA SER A 284 9.32 -11.04 -11.53
C SER A 284 8.49 -9.79 -11.22
N TYR A 285 7.24 -9.81 -11.68
CA TYR A 285 6.42 -8.60 -11.76
C TYR A 285 5.89 -8.07 -10.43
N GLU A 286 6.06 -8.82 -9.33
CA GLU A 286 5.93 -8.21 -7.98
C GLU A 286 6.90 -7.01 -7.76
N LYS A 287 7.88 -6.86 -8.65
CA LYS A 287 8.84 -5.76 -8.63
C LYS A 287 8.30 -4.48 -9.29
N ILE A 288 7.03 -4.51 -9.74
CA ILE A 288 6.33 -3.35 -10.32
C ILE A 288 4.83 -3.36 -9.89
N LEU A 289 4.55 -3.00 -8.63
CA LEU A 289 3.21 -2.94 -8.06
C LEU A 289 2.47 -1.74 -8.55
N ILE A 290 1.27 -1.99 -9.09
CA ILE A 290 0.44 -0.95 -9.70
C ILE A 290 -0.67 -0.64 -8.72
N ASN A 291 -0.68 0.56 -8.16
CA ASN A 291 -1.68 0.87 -7.12
C ASN A 291 -2.88 1.52 -7.77
N ILE A 292 -4.05 0.96 -7.55
CA ILE A 292 -5.35 1.56 -7.84
C ILE A 292 -6.09 1.66 -6.51
N GLY A 293 -6.58 2.86 -6.17
CA GLY A 293 -7.40 3.01 -4.95
C GLY A 293 -8.83 3.38 -5.26
N ARG A 294 -9.10 4.68 -5.30
CA ARG A 294 -10.45 5.22 -5.49
C ARG A 294 -11.29 4.64 -6.65
N ALA A 295 -10.62 4.32 -7.76
CA ALA A 295 -11.26 3.65 -8.89
C ALA A 295 -11.90 2.33 -8.49
N ILE A 296 -11.38 1.72 -7.43
CA ILE A 296 -11.98 0.51 -6.87
C ILE A 296 -12.90 0.85 -5.68
N THR A 297 -12.38 1.53 -4.67
CA THR A 297 -13.09 1.75 -3.39
C THR A 297 -14.30 2.71 -3.49
N LYS A 298 -14.29 3.61 -4.46
CA LYS A 298 -15.46 4.51 -4.68
C LYS A 298 -16.41 4.07 -5.81
N ASN A 299 -16.02 3.04 -6.57
CA ASN A 299 -16.88 2.42 -7.56
C ASN A 299 -18.03 1.69 -6.86
N PRO A 300 -19.28 1.85 -7.37
CA PRO A 300 -20.39 1.25 -6.62
C PRO A 300 -20.32 -0.29 -6.56
N TYR A 301 -19.49 -0.87 -7.43
CA TYR A 301 -19.22 -2.33 -7.44
C TYR A 301 -17.71 -2.60 -7.41
N PRO A 302 -17.11 -2.51 -6.20
CA PRO A 302 -15.66 -2.63 -5.95
C PRO A 302 -15.00 -3.88 -6.53
N GLN A 303 -15.60 -5.05 -6.31
CA GLN A 303 -15.10 -6.34 -6.83
C GLN A 303 -15.06 -6.40 -8.36
N LYS A 304 -16.11 -5.89 -9.00
CA LYS A 304 -16.12 -5.81 -10.46
C LYS A 304 -15.06 -4.82 -10.92
N ALA A 305 -14.94 -3.70 -10.20
CA ALA A 305 -13.95 -2.67 -10.45
C ALA A 305 -12.54 -3.28 -10.40
N ALA A 306 -12.29 -3.99 -9.30
CA ALA A 306 -11.07 -4.74 -9.03
C ALA A 306 -10.84 -5.82 -10.06
N GLN A 307 -11.90 -6.54 -10.42
CA GLN A 307 -11.80 -7.57 -11.46
C GLN A 307 -11.37 -7.00 -12.79
N MET A 308 -11.90 -5.82 -13.15
CA MET A 308 -11.55 -5.14 -14.39
C MET A 308 -10.08 -4.76 -14.43
N TYR A 309 -9.61 -4.13 -13.37
CA TYR A 309 -8.22 -3.74 -13.29
C TYR A 309 -7.29 -4.96 -13.30
N TYR A 310 -7.66 -6.00 -12.56
CA TYR A 310 -6.95 -7.29 -12.60
C TYR A 310 -6.88 -7.83 -14.06
N ASP A 311 -8.02 -7.77 -14.75
CA ASP A 311 -8.09 -8.26 -16.11
C ASP A 311 -7.22 -7.41 -17.03
N GLN A 312 -7.23 -6.08 -16.84
CA GLN A 312 -6.38 -5.22 -17.67
C GLN A 312 -4.89 -5.47 -17.44
N ILE A 313 -4.51 -5.63 -16.18
CA ILE A 313 -3.09 -5.93 -15.86
C ILE A 313 -2.65 -7.30 -16.46
N ASN A 314 -3.51 -8.29 -16.32
CA ASN A 314 -3.36 -9.62 -16.98
C ASN A 314 -2.90 -9.49 -18.44
N ALA A 315 -3.63 -8.71 -19.22
CA ALA A 315 -3.39 -8.60 -20.65
C ALA A 315 -2.05 -7.92 -20.97
N ILE A 316 -1.66 -6.93 -20.16
CA ILE A 316 -0.42 -6.19 -20.33
C ILE A 316 0.77 -7.08 -19.96
N LEU A 317 0.61 -7.87 -18.90
CA LEU A 317 1.63 -8.84 -18.45
C LEU A 317 1.88 -9.87 -19.51
N LYS A 318 0.79 -10.46 -20.01
CA LYS A 318 0.84 -11.33 -21.20
C LYS A 318 1.63 -10.67 -22.37
N GLN A 319 1.33 -9.41 -22.72
CA GLN A 319 2.07 -8.75 -23.83
C GLN A 319 3.55 -8.60 -23.55
N ASN A 320 3.85 -8.21 -22.32
CA ASN A 320 5.23 -8.02 -21.87
C ASN A 320 6.03 -9.33 -21.76
N MET A 321 5.35 -10.40 -21.32
CA MET A 321 5.97 -11.73 -21.24
C MET A 321 6.39 -12.28 -22.60
N GLU A 322 5.67 -11.89 -23.64
CA GLU A 322 5.89 -12.42 -24.98
C GLU A 322 6.96 -11.62 -25.71
N SER A 323 7.63 -10.71 -25.00
CA SER A 323 8.85 -10.06 -25.49
C SER A 323 9.94 -11.11 -25.68
P PO4 B . -6.62 6.34 -7.44
O1 PO4 B . -7.01 6.60 -6.00
O2 PO4 B . -5.94 7.58 -7.97
O3 PO4 B . -7.79 6.02 -8.33
O4 PO4 B . -5.68 5.16 -7.50
#